data_7ZLN
#
_entry.id   7ZLN
#
_cell.length_a   56.687
_cell.length_b   52.258
_cell.length_c   77.491
_cell.angle_alpha   90.000
_cell.angle_beta   107.941
_cell.angle_gamma   90.000
#
_symmetry.space_group_name_H-M   'P 1 21 1'
#
loop_
_entity.id
_entity.type
_entity.pdbx_description
1 polymer 'Suppressor of cytokine signaling 2'
2 polymer Elongin-B
3 polymer Elongin-C
4 non-polymer '[4-[(2~{S})-3-[(4-fluoranyl-3-methyl-phenyl)methylamino]-2-[2-(4-fluorophenyl)ethanoylamino]-3-oxidanylidene-propyl]phenyl] dihydrogen phosphate'
5 water water
#
loop_
_entity_poly.entity_id
_entity_poly.type
_entity_poly.pdbx_seq_one_letter_code
_entity_poly.pdbx_strand_id
1 'polypeptide(L)'
;SMQAARLAKALRELGQTGWYWGSMTVNEAKEKLKEAPEGTFLIRDSSHSDYLLTISVKTSAGPTNLRIEYQDGKFRLDSI
ICVKSKLKQFDSVVHLIDYYVQMCKDKRTGPEAPRNGTVHLYLTKPLYTSAPSLQHLCRLTINKCTGAIWGLPLPTRLKD
YLEEYKFQV
;
A
2 'polypeptide(L)'
;MDVFLMIRRHKTTIFTDAKESSTVFELKRIVEGILKRPPDEQRLYKDDQLLDDGKTLGECGFTSQTARPQAPATVGLAFR
ADDTFEALCIEPFSSPPELPDVMKPQDSGSSANEQAVQ
;
B
3 'polypeptide(L)'
;MMYVKLISSDGHEFIVKREHALTSGTIKAMLSGPGQFAENETNEVNFREIPSHVLSKVCMYFTYKVRYTNSSTEIPEFPI
APEIALELLMAANFLDC
;
C
#
loop_
_chem_comp.id
_chem_comp.type
_chem_comp.name
_chem_comp.formula
JI9 non-polymer '[4-[(2~{S})-3-[(4-fluoranyl-3-methyl-phenyl)methylamino]-2-[2-(4-fluorophenyl)ethanoylamino]-3-oxidanylidene-propyl]phenyl] dihydrogen phosphate' 'C25 H25 F2 N2 O6 P'
#
# COMPACT_ATOMS: atom_id res chain seq x y z
N SER A 1 -25.17 14.73 21.79
CA SER A 1 -24.41 15.81 22.39
C SER A 1 -23.03 15.91 21.77
N MET A 2 -22.17 16.75 22.37
CA MET A 2 -20.80 16.86 21.89
C MET A 2 -20.05 15.55 22.10
N GLN A 3 -20.31 14.86 23.22
CA GLN A 3 -19.69 13.56 23.47
C GLN A 3 -20.17 12.52 22.47
N ALA A 4 -21.49 12.36 22.37
CA ALA A 4 -22.07 11.31 21.52
C ALA A 4 -21.62 11.45 20.07
N ALA A 5 -21.64 12.68 19.54
CA ALA A 5 -21.20 12.89 18.16
C ALA A 5 -19.73 12.57 17.98
N ARG A 6 -18.87 13.14 18.84
CA ARG A 6 -17.43 12.91 18.72
C ARG A 6 -17.09 11.44 18.94
N LEU A 7 -17.93 10.72 19.67
CA LEU A 7 -17.71 9.28 19.88
C LEU A 7 -17.86 8.53 18.55
N ALA A 8 -19.04 8.66 17.92
CA ALA A 8 -19.28 8.00 16.64
C ALA A 8 -18.28 8.43 15.57
N LYS A 9 -17.86 9.70 15.60
CA LYS A 9 -16.82 10.12 14.67
C LYS A 9 -15.52 9.37 14.91
N ALA A 10 -15.25 9.00 16.17
CA ALA A 10 -14.00 8.32 16.48
C ALA A 10 -13.96 6.92 15.88
N LEU A 11 -15.08 6.18 15.96
CA LEU A 11 -15.13 4.86 15.32
C LEU A 11 -15.14 4.97 13.82
N ARG A 12 -15.69 6.05 13.26
CA ARG A 12 -15.80 6.15 11.81
C ARG A 12 -14.43 6.29 11.15
N GLU A 13 -13.52 7.06 11.76
CA GLU A 13 -12.14 7.07 11.29
C GLU A 13 -11.43 5.77 11.61
N LEU A 14 -11.80 5.13 12.72
CA LEU A 14 -11.23 3.82 13.06
C LEU A 14 -11.55 2.79 11.98
N GLY A 15 -12.69 2.93 11.31
CA GLY A 15 -12.99 2.07 10.18
C GLY A 15 -12.22 2.41 8.93
N GLN A 16 -11.66 3.62 8.85
CA GLN A 16 -10.88 4.05 7.70
C GLN A 16 -9.42 3.63 7.79
N THR A 17 -8.94 3.22 8.96
CA THR A 17 -7.52 2.93 9.13
C THR A 17 -7.10 1.70 8.32
N GLY A 18 -7.97 0.69 8.26
CA GLY A 18 -7.59 -0.57 7.68
C GLY A 18 -6.76 -1.45 8.58
N TRP A 19 -6.41 -0.99 9.77
CA TRP A 19 -5.74 -1.82 10.78
C TRP A 19 -6.58 -1.93 12.04
N TYR A 20 -7.91 -1.82 11.89
CA TYR A 20 -8.86 -2.11 12.96
C TYR A 20 -9.41 -3.52 12.74
N TRP A 21 -9.42 -4.32 13.81
CA TRP A 21 -9.76 -5.73 13.69
C TRP A 21 -11.02 -6.11 14.46
N GLY A 22 -11.77 -5.13 14.94
CA GLY A 22 -13.06 -5.38 15.58
C GLY A 22 -13.04 -6.41 16.69
N SER A 23 -13.89 -7.43 16.57
CA SER A 23 -13.98 -8.52 17.54
C SER A 23 -12.83 -9.47 17.31
N MET A 24 -11.74 -9.29 18.08
CA MET A 24 -10.56 -10.14 18.00
C MET A 24 -10.17 -10.53 19.42
N THR A 25 -9.63 -11.74 19.56
CA THR A 25 -9.18 -12.22 20.86
C THR A 25 -7.69 -12.00 21.04
N VAL A 26 -7.25 -12.11 22.30
CA VAL A 26 -5.82 -11.97 22.60
C VAL A 26 -5.04 -13.08 21.92
N ASN A 27 -5.57 -14.31 21.95
CA ASN A 27 -4.87 -15.44 21.34
C ASN A 27 -4.86 -15.31 19.81
N GLU A 28 -5.94 -14.81 19.22
CA GLU A 28 -5.92 -14.49 17.81
C GLU A 28 -4.93 -13.37 17.51
N ALA A 29 -4.81 -12.40 18.42
CA ALA A 29 -3.85 -11.32 18.25
C ALA A 29 -2.42 -11.83 18.40
N LYS A 30 -2.16 -12.62 19.44
CA LYS A 30 -0.84 -13.20 19.66
C LYS A 30 -0.37 -13.98 18.44
N GLU A 31 -1.30 -14.67 17.76
CA GLU A 31 -0.93 -15.44 16.58
C GLU A 31 -0.63 -14.53 15.39
N LYS A 32 -1.55 -13.62 15.08
CA LYS A 32 -1.37 -12.72 13.95
C LYS A 32 -0.18 -11.79 14.12
N LEU A 33 0.41 -11.71 15.31
CA LEU A 33 1.55 -10.83 15.57
C LEU A 33 2.81 -11.60 15.94
N LYS A 34 2.80 -12.93 15.86
CA LYS A 34 3.95 -13.71 16.31
C LYS A 34 5.15 -13.54 15.39
N GLU A 35 4.92 -13.25 14.11
CA GLU A 35 5.99 -13.18 13.12
C GLU A 35 6.31 -11.76 12.69
N ALA A 36 5.55 -10.77 13.14
CA ALA A 36 5.76 -9.40 12.70
C ALA A 36 7.01 -8.82 13.35
N PRO A 37 7.70 -7.90 12.66
CA PRO A 37 8.85 -7.22 13.27
C PRO A 37 8.43 -6.43 14.50
N GLU A 38 9.41 -6.16 15.35
CA GLU A 38 9.15 -5.42 16.58
C GLU A 38 8.57 -4.04 16.27
N GLY A 39 7.44 -3.74 16.92
CA GLY A 39 6.77 -2.46 16.76
C GLY A 39 5.44 -2.54 16.04
N THR A 40 5.17 -3.63 15.34
CA THR A 40 3.91 -3.77 14.62
C THR A 40 2.74 -3.82 15.59
N PHE A 41 1.67 -3.11 15.25
CA PHE A 41 0.54 -2.95 16.16
C PHE A 41 -0.77 -3.11 15.41
N LEU A 42 -1.83 -3.38 16.18
CA LEU A 42 -3.19 -3.39 15.68
C LEU A 42 -4.12 -2.95 16.80
N ILE A 43 -5.33 -2.53 16.42
CA ILE A 43 -6.36 -2.14 17.36
C ILE A 43 -7.55 -3.07 17.19
N ARG A 44 -8.09 -3.55 18.30
CA ARG A 44 -9.23 -4.46 18.30
C ARG A 44 -10.11 -4.13 19.50
N ASP A 45 -11.33 -4.68 19.49
CA ASP A 45 -12.21 -4.53 20.63
C ASP A 45 -11.62 -5.25 21.85
N SER A 46 -12.01 -4.78 23.03
CA SER A 46 -11.47 -5.29 24.28
C SER A 46 -12.42 -6.28 24.91
N SER A 47 -11.84 -7.29 25.56
CA SER A 47 -12.60 -8.32 26.27
C SER A 47 -12.86 -7.95 27.73
N HIS A 48 -12.72 -6.69 28.10
CA HIS A 48 -13.00 -6.23 29.45
C HIS A 48 -14.24 -5.34 29.44
N SER A 49 -15.03 -5.43 30.52
CA SER A 49 -16.32 -4.75 30.55
C SER A 49 -16.17 -3.24 30.54
N ASP A 50 -15.07 -2.72 31.08
CA ASP A 50 -14.87 -1.28 31.22
C ASP A 50 -14.03 -0.68 30.11
N TYR A 51 -13.65 -1.46 29.09
CA TYR A 51 -12.79 -0.98 28.02
C TYR A 51 -13.38 -1.38 26.67
N LEU A 52 -13.33 -0.46 25.71
CA LEU A 52 -13.81 -0.72 24.36
C LEU A 52 -12.72 -1.33 23.48
N LEU A 53 -11.64 -0.58 23.26
CA LEU A 53 -10.59 -0.98 22.33
C LEU A 53 -9.31 -1.34 23.09
N THR A 54 -8.40 -2.02 22.38
CA THR A 54 -7.16 -2.50 22.97
C THR A 54 -6.09 -2.58 21.89
N ILE A 55 -4.89 -2.11 22.22
CA ILE A 55 -3.74 -2.17 21.32
C ILE A 55 -3.05 -3.51 21.51
N SER A 56 -2.79 -4.22 20.41
CA SER A 56 -1.97 -5.40 20.40
C SER A 56 -0.71 -5.09 19.60
N VAL A 57 0.45 -5.24 20.23
CA VAL A 57 1.71 -4.80 19.64
C VAL A 57 2.78 -5.86 19.88
N LYS A 58 3.67 -6.04 18.90
CA LYS A 58 4.77 -6.98 19.00
C LYS A 58 6.00 -6.31 19.59
N THR A 59 6.65 -7.01 20.51
CA THR A 59 7.96 -6.63 21.06
C THR A 59 8.91 -7.81 20.89
N SER A 60 10.18 -7.58 21.22
CA SER A 60 11.17 -8.65 21.15
C SER A 60 10.83 -9.83 22.06
N ALA A 61 10.06 -9.60 23.12
CA ALA A 61 9.59 -10.68 23.98
C ALA A 61 8.38 -11.39 23.41
N GLY A 62 7.74 -10.83 22.39
CA GLY A 62 6.55 -11.40 21.81
C GLY A 62 5.41 -10.40 21.77
N PRO A 63 4.25 -10.83 21.28
CA PRO A 63 3.08 -9.94 21.27
C PRO A 63 2.59 -9.66 22.68
N THR A 64 2.22 -8.40 22.92
CA THR A 64 1.61 -7.96 24.17
C THR A 64 0.40 -7.09 23.84
N ASN A 65 -0.31 -6.66 24.88
CA ASN A 65 -1.58 -5.97 24.69
C ASN A 65 -1.71 -4.83 25.68
N LEU A 66 -2.15 -3.67 25.19
CA LEU A 66 -2.45 -2.52 26.02
C LEU A 66 -3.86 -2.03 25.73
N ARG A 67 -4.62 -1.76 26.79
CA ARG A 67 -5.99 -1.29 26.66
C ARG A 67 -6.02 0.23 26.56
N ILE A 68 -7.06 0.74 25.91
CA ILE A 68 -7.28 2.16 25.75
C ILE A 68 -8.51 2.56 26.56
N GLU A 69 -8.39 3.67 27.29
CA GLU A 69 -9.40 4.09 28.26
C GLU A 69 -10.26 5.21 27.69
N TYR A 70 -11.54 5.20 28.04
CA TYR A 70 -12.46 6.26 27.64
C TYR A 70 -13.14 6.79 28.90
N GLN A 71 -13.01 8.10 29.14
CA GLN A 71 -13.60 8.72 30.32
C GLN A 71 -14.02 10.14 29.96
N ASP A 72 -15.33 10.38 29.90
CA ASP A 72 -15.89 11.71 29.67
C ASP A 72 -15.40 12.31 28.35
N GLY A 73 -15.49 11.51 27.29
CA GLY A 73 -15.18 12.01 25.96
C GLY A 73 -13.71 12.17 25.66
N LYS A 74 -12.84 11.37 26.29
CA LYS A 74 -11.41 11.47 26.07
C LYS A 74 -10.80 10.07 26.04
N PHE A 75 -9.98 9.82 25.02
CA PHE A 75 -9.24 8.56 24.90
C PHE A 75 -7.85 8.72 25.47
N ARG A 76 -7.37 7.69 26.15
CA ARG A 76 -6.03 7.67 26.70
C ARG A 76 -5.64 6.23 26.97
N LEU A 77 -4.34 5.97 27.00
CA LEU A 77 -3.84 4.67 27.39
C LEU A 77 -4.36 4.31 28.78
N ASP A 78 -4.47 3.01 29.05
CA ASP A 78 -4.94 2.51 30.33
C ASP A 78 -4.25 3.26 31.47
N SER A 79 -5.05 3.74 32.43
CA SER A 79 -4.50 4.56 33.50
C SER A 79 -3.85 3.74 34.61
N ILE A 80 -3.83 2.41 34.50
CA ILE A 80 -3.24 1.57 35.54
C ILE A 80 -1.75 1.37 35.35
N ILE A 81 -1.17 1.82 34.23
CA ILE A 81 0.26 1.67 33.99
C ILE A 81 1.06 2.90 34.38
N CYS A 82 0.40 4.04 34.59
CA CYS A 82 1.10 5.29 34.86
C CYS A 82 0.11 6.29 35.44
N VAL A 83 0.66 7.36 36.03
CA VAL A 83 -0.19 8.44 36.51
C VAL A 83 -0.85 9.13 35.32
N LYS A 84 -2.12 9.52 35.49
CA LYS A 84 -2.91 10.00 34.36
C LYS A 84 -2.31 11.24 33.72
N SER A 85 -1.60 12.07 34.50
CA SER A 85 -1.00 13.28 33.95
C SER A 85 0.08 12.97 32.93
N LYS A 86 0.66 11.77 32.97
CA LYS A 86 1.67 11.35 32.01
C LYS A 86 1.07 10.55 30.86
N LEU A 87 -0.25 10.50 30.75
CA LEU A 87 -0.95 9.76 29.69
C LEU A 87 -1.82 10.76 28.93
N LYS A 88 -1.36 11.19 27.76
CA LYS A 88 -2.03 12.24 27.02
C LYS A 88 -3.42 11.81 26.58
N GLN A 89 -4.37 12.74 26.65
CA GLN A 89 -5.75 12.51 26.25
C GLN A 89 -5.94 12.90 24.78
N PHE A 90 -6.97 12.33 24.16
CA PHE A 90 -7.25 12.56 22.75
C PHE A 90 -8.75 12.47 22.50
N ASP A 91 -9.15 12.91 21.31
CA ASP A 91 -10.53 12.79 20.83
C ASP A 91 -10.74 11.48 20.07
N SER A 92 -9.97 11.30 19.00
CA SER A 92 -10.02 10.07 18.22
C SER A 92 -8.94 9.12 18.70
N VAL A 93 -9.30 7.84 18.82
CA VAL A 93 -8.32 6.82 19.16
C VAL A 93 -7.23 6.73 18.09
N VAL A 94 -7.55 7.14 16.86
CA VAL A 94 -6.53 7.18 15.81
C VAL A 94 -5.51 8.28 16.08
N HIS A 95 -5.98 9.45 16.52
CA HIS A 95 -5.06 10.51 16.89
C HIS A 95 -4.16 10.08 18.04
N LEU A 96 -4.71 9.34 19.00
CA LEU A 96 -3.90 8.70 20.03
C LEU A 96 -2.80 7.85 19.41
N ILE A 97 -3.16 6.99 18.46
CA ILE A 97 -2.20 6.11 17.81
C ILE A 97 -1.16 6.95 17.05
N ASP A 98 -1.64 7.82 16.16
CA ASP A 98 -0.73 8.61 15.32
C ASP A 98 0.29 9.36 16.18
N TYR A 99 -0.11 9.80 17.37
CA TYR A 99 0.79 10.53 18.25
C TYR A 99 1.89 9.61 18.79
N TYR A 100 1.51 8.45 19.33
CA TYR A 100 2.50 7.52 19.86
C TYR A 100 3.34 6.88 18.76
N VAL A 101 2.78 6.75 17.55
CA VAL A 101 3.57 6.26 16.43
C VAL A 101 4.60 7.30 15.99
N GLN A 102 4.15 8.54 15.79
CA GLN A 102 5.04 9.58 15.30
C GLN A 102 6.15 9.90 16.30
N MET A 103 5.90 9.69 17.60
CA MET A 103 6.94 9.89 18.59
C MET A 103 8.11 8.94 18.36
N CYS A 104 7.81 7.65 18.17
CA CYS A 104 8.88 6.69 17.91
C CYS A 104 9.57 7.00 16.58
N LYS A 105 8.81 7.44 15.58
CA LYS A 105 9.41 7.79 14.29
C LYS A 105 10.37 8.96 14.43
N ASP A 106 10.04 9.92 15.30
CA ASP A 106 10.91 11.06 15.56
C ASP A 106 12.09 10.73 16.47
N LYS A 107 12.25 9.46 16.83
CA LYS A 107 13.32 8.98 17.72
C LYS A 107 13.29 9.66 19.09
N ARG A 108 12.17 10.29 19.45
CA ARG A 108 11.99 10.74 20.82
C ARG A 108 11.74 9.58 21.78
N THR A 109 11.43 8.40 21.24
CA THR A 109 11.33 7.17 22.02
C THR A 109 11.96 6.04 21.22
N GLY A 110 12.52 5.07 21.93
CA GLY A 110 13.15 3.93 21.31
C GLY A 110 12.54 2.61 21.77
N PRO A 111 13.06 1.50 21.25
CA PRO A 111 12.51 0.19 21.63
C PRO A 111 12.86 -0.22 23.06
N GLU A 112 13.79 0.45 23.72
CA GLU A 112 14.15 0.15 25.10
C GLU A 112 13.37 1.03 26.05
N ALA A 113 13.03 0.47 27.21
CA ALA A 113 12.15 1.14 28.16
C ALA A 113 12.92 2.20 28.94
N PRO A 114 12.34 3.39 29.13
CA PRO A 114 12.95 4.38 30.01
C PRO A 114 13.01 3.87 31.44
N ARG A 115 13.96 4.40 32.20
CA ARG A 115 14.13 4.04 33.60
C ARG A 115 13.52 5.06 34.55
N ASN A 116 12.94 6.14 34.02
CA ASN A 116 12.36 7.19 34.86
C ASN A 116 10.84 7.07 34.97
N GLY A 117 10.27 5.92 34.62
CA GLY A 117 8.90 5.60 34.94
C GLY A 117 7.86 6.00 33.92
N THR A 118 8.18 6.93 33.01
CA THR A 118 7.18 7.42 32.08
C THR A 118 6.72 6.31 31.14
N VAL A 119 5.60 6.58 30.44
CA VAL A 119 4.99 5.58 29.58
C VAL A 119 5.93 5.21 28.45
N HIS A 120 5.99 3.92 28.12
CA HIS A 120 6.87 3.40 27.08
C HIS A 120 6.04 2.55 26.12
N LEU A 121 5.82 3.07 24.92
CA LEU A 121 5.07 2.37 23.89
C LEU A 121 5.83 2.47 22.58
N TYR A 122 6.37 1.35 22.11
CA TYR A 122 7.14 1.32 20.87
C TYR A 122 6.21 0.87 19.74
N LEU A 123 5.92 1.79 18.83
CA LEU A 123 5.04 1.51 17.71
C LEU A 123 5.73 1.89 16.41
N THR A 124 5.75 0.98 15.44
CA THR A 124 6.33 1.27 14.14
C THR A 124 5.32 1.29 13.00
N LYS A 125 5.10 0.15 12.37
CA LYS A 125 4.16 0.12 11.26
C LYS A 125 2.92 -0.67 11.63
N PRO A 126 1.75 -0.29 11.13
CA PRO A 126 0.53 -1.03 11.44
C PRO A 126 0.44 -2.34 10.66
N LEU A 127 -0.50 -3.18 11.08
CA LEU A 127 -0.79 -4.45 10.43
C LEU A 127 -2.20 -4.37 9.85
N TYR A 128 -2.29 -4.41 8.52
CA TYR A 128 -3.55 -4.17 7.82
C TYR A 128 -4.36 -5.45 7.69
N THR A 129 -5.68 -5.32 7.86
CA THR A 129 -6.58 -6.42 7.55
C THR A 129 -6.62 -6.67 6.05
N SER A 130 -6.74 -5.61 5.26
CA SER A 130 -6.80 -5.69 3.81
C SER A 130 -6.05 -4.50 3.24
N ALA A 131 -5.63 -4.64 1.98
CA ALA A 131 -5.00 -3.55 1.26
C ALA A 131 -5.95 -2.37 1.21
N PRO A 132 -5.55 -1.19 1.71
CA PRO A 132 -6.47 -0.06 1.74
C PRO A 132 -6.77 0.48 0.35
N SER A 133 -7.64 1.50 0.28
CA SER A 133 -7.88 2.17 -0.99
C SER A 133 -6.64 2.93 -1.42
N LEU A 134 -6.34 2.90 -2.72
CA LEU A 134 -5.25 3.71 -3.24
C LEU A 134 -5.42 5.17 -2.86
N GLN A 135 -6.66 5.66 -2.93
CA GLN A 135 -6.98 7.00 -2.45
C GLN A 135 -6.48 7.21 -1.02
N HIS A 136 -6.83 6.28 -0.14
CA HIS A 136 -6.41 6.39 1.26
C HIS A 136 -4.90 6.29 1.42
N LEU A 137 -4.23 5.55 0.53
CA LEU A 137 -2.78 5.40 0.62
C LEU A 137 -2.04 6.65 0.18
N CYS A 138 -2.72 7.62 -0.43
CA CYS A 138 -2.14 8.94 -0.67
C CYS A 138 -2.49 9.90 0.46
N ARG A 139 -3.75 9.89 0.88
CA ARG A 139 -4.17 10.65 2.06
C ARG A 139 -3.18 10.45 3.19
N LEU A 140 -2.73 9.22 3.39
CA LEU A 140 -1.62 8.99 4.32
C LEU A 140 -0.35 9.64 3.81
N THR A 141 0.03 9.35 2.56
CA THR A 141 1.28 9.86 2.00
C THR A 141 1.30 11.39 2.00
N ILE A 142 0.19 12.03 1.61
CA ILE A 142 0.14 13.49 1.60
C ILE A 142 0.25 14.05 3.01
N ASN A 143 -0.43 13.40 3.97
CA ASN A 143 -0.41 13.89 5.35
C ASN A 143 0.99 13.82 5.95
N LYS A 144 1.82 12.87 5.51
CA LYS A 144 3.20 12.83 5.95
C LYS A 144 4.05 13.94 5.35
N CYS A 145 3.53 14.67 4.36
CA CYS A 145 4.25 15.79 3.76
C CYS A 145 3.82 17.13 4.35
N THR A 146 2.52 17.40 4.42
CA THR A 146 2.04 18.67 4.94
C THR A 146 0.69 18.47 5.63
N GLY A 147 0.42 19.33 6.60
CA GLY A 147 -0.87 19.43 7.25
C GLY A 147 -1.70 20.59 6.80
N ALA A 148 -1.27 21.33 5.79
CA ALA A 148 -2.02 22.45 5.22
C ALA A 148 -2.55 22.03 3.85
N ILE A 149 -3.53 21.12 3.87
CA ILE A 149 -4.05 20.54 2.63
C ILE A 149 -4.81 21.58 1.81
N TRP A 150 -5.41 22.57 2.46
CA TRP A 150 -6.17 23.58 1.74
C TRP A 150 -5.29 24.57 0.99
N GLY A 151 -3.97 24.47 1.12
CA GLY A 151 -3.07 25.27 0.32
C GLY A 151 -2.39 24.42 -0.74
N LEU A 152 -3.14 23.51 -1.33
CA LEU A 152 -2.61 22.56 -2.30
C LEU A 152 -3.33 22.72 -3.64
N PRO A 153 -2.64 22.44 -4.76
CA PRO A 153 -3.29 22.55 -6.08
C PRO A 153 -4.30 21.44 -6.32
N LEU A 154 -5.34 21.36 -5.47
CA LEU A 154 -6.30 20.28 -5.50
C LEU A 154 -7.71 20.81 -5.68
N PRO A 155 -8.60 20.02 -6.30
CA PRO A 155 -10.03 20.34 -6.27
C PRO A 155 -10.54 20.28 -4.84
N THR A 156 -11.54 21.13 -4.56
CA THR A 156 -12.07 21.24 -3.20
C THR A 156 -12.63 19.91 -2.71
N ARG A 157 -13.29 19.15 -3.59
CA ARG A 157 -13.84 17.86 -3.20
C ARG A 157 -12.75 16.92 -2.72
N LEU A 158 -11.59 16.94 -3.37
CA LEU A 158 -10.49 16.06 -2.97
C LEU A 158 -9.93 16.47 -1.61
N LYS A 159 -9.87 17.77 -1.33
CA LYS A 159 -9.36 18.23 -0.05
C LYS A 159 -10.29 17.85 1.09
N ASP A 160 -11.61 17.91 0.85
CA ASP A 160 -12.56 17.49 1.88
C ASP A 160 -12.40 16.02 2.23
N TYR A 161 -12.05 15.19 1.24
CA TYR A 161 -11.72 13.80 1.53
C TYR A 161 -10.48 13.70 2.42
N LEU A 162 -9.47 14.53 2.15
CA LEU A 162 -8.28 14.55 2.98
C LEU A 162 -8.60 14.99 4.41
N GLU A 163 -9.49 15.97 4.56
CA GLU A 163 -9.84 16.50 5.87
C GLU A 163 -10.60 15.51 6.73
N GLU A 164 -11.11 14.42 6.16
CA GLU A 164 -11.81 13.41 6.94
C GLU A 164 -10.86 12.53 7.74
N TYR A 165 -9.64 12.33 7.23
CA TYR A 165 -8.63 11.48 7.87
C TYR A 165 -7.29 12.18 7.71
N LYS A 166 -6.86 12.89 8.77
CA LYS A 166 -5.71 13.77 8.70
C LYS A 166 -4.43 13.14 9.26
N PHE A 167 -4.45 11.85 9.57
CA PHE A 167 -3.35 11.22 10.28
C PHE A 167 -2.34 10.60 9.32
N GLN A 168 -1.19 10.24 9.87
CA GLN A 168 -0.06 9.73 9.09
C GLN A 168 0.08 8.22 9.18
N VAL A 169 -0.84 7.53 9.84
CA VAL A 169 -0.80 6.07 9.96
C VAL A 169 -2.20 5.51 9.78
N MET B 1 8.75 -17.99 -4.00
CA MET B 1 7.80 -18.61 -4.92
C MET B 1 7.31 -17.61 -5.97
N ASP B 2 6.19 -16.96 -5.66
CA ASP B 2 5.65 -15.95 -6.56
C ASP B 2 6.65 -14.82 -6.76
N VAL B 3 6.72 -14.32 -8.00
CA VAL B 3 7.63 -13.22 -8.34
C VAL B 3 6.97 -12.37 -9.42
N PHE B 4 6.70 -11.11 -9.09
CA PHE B 4 5.82 -10.25 -9.88
C PHE B 4 6.67 -9.35 -10.76
N LEU B 5 6.38 -9.37 -12.07
CA LEU B 5 7.22 -8.70 -13.07
C LEU B 5 6.40 -7.74 -13.92
N MET B 6 7.10 -7.05 -14.81
CA MET B 6 6.52 -6.08 -15.73
C MET B 6 7.24 -6.18 -17.08
N ILE B 7 6.66 -6.93 -18.01
CA ILE B 7 7.20 -6.97 -19.36
C ILE B 7 6.85 -5.67 -20.07
N ARG B 8 7.87 -4.95 -20.54
CA ARG B 8 7.68 -3.63 -21.13
C ARG B 8 8.25 -3.60 -22.54
N ARG B 9 7.47 -3.04 -23.47
CA ARG B 9 7.89 -2.98 -24.87
C ARG B 9 7.49 -1.63 -25.44
N HIS B 10 8.49 -0.85 -25.86
CA HIS B 10 8.28 0.42 -26.55
C HIS B 10 7.37 1.37 -25.78
N THR B 13 3.73 -2.12 -21.89
CA THR B 13 4.08 -2.73 -20.60
C THR B 13 3.02 -3.75 -20.19
N ILE B 14 3.46 -4.96 -19.83
CA ILE B 14 2.56 -6.05 -19.47
C ILE B 14 2.79 -6.39 -18.00
N PHE B 15 1.71 -6.37 -17.22
CA PHE B 15 1.76 -6.74 -15.81
C PHE B 15 1.43 -8.22 -15.66
N THR B 16 2.23 -8.93 -14.86
CA THR B 16 2.00 -10.35 -14.64
C THR B 16 2.77 -10.80 -13.40
N ASP B 17 2.41 -11.99 -12.93
CA ASP B 17 3.13 -12.67 -11.87
C ASP B 17 3.61 -14.03 -12.39
N ALA B 18 4.66 -14.55 -11.76
CA ALA B 18 5.22 -15.83 -12.18
C ALA B 18 5.82 -16.53 -10.96
N LYS B 19 6.19 -17.79 -11.17
CA LYS B 19 6.82 -18.58 -10.12
C LYS B 19 8.34 -18.52 -10.27
N GLU B 20 9.03 -18.56 -9.14
CA GLU B 20 10.49 -18.55 -9.15
C GLU B 20 11.07 -19.74 -9.88
N SER B 21 10.31 -20.83 -10.00
CA SER B 21 10.75 -22.03 -10.67
C SER B 21 10.36 -22.06 -12.15
N SER B 22 9.62 -21.07 -12.63
CA SER B 22 9.22 -21.03 -14.03
C SER B 22 10.44 -20.78 -14.92
N THR B 23 10.47 -21.47 -16.06
CA THR B 23 11.59 -21.32 -16.98
C THR B 23 11.43 -20.04 -17.81
N VAL B 24 12.57 -19.54 -18.32
CA VAL B 24 12.53 -18.36 -19.16
C VAL B 24 11.79 -18.63 -20.46
N PHE B 25 11.81 -19.89 -20.93
CA PHE B 25 10.99 -20.27 -22.07
C PHE B 25 9.51 -20.16 -21.73
N GLU B 26 9.13 -20.52 -20.50
CA GLU B 26 7.76 -20.39 -20.06
C GLU B 26 7.27 -18.94 -20.13
N LEU B 27 8.18 -17.97 -20.07
CA LEU B 27 7.78 -16.57 -20.21
C LEU B 27 7.43 -16.26 -21.66
N LYS B 28 8.22 -16.77 -22.61
CA LYS B 28 7.93 -16.54 -24.02
C LYS B 28 6.61 -17.16 -24.45
N ARG B 29 6.10 -18.14 -23.70
CA ARG B 29 4.80 -18.70 -23.99
C ARG B 29 3.66 -17.80 -23.52
N ILE B 30 3.89 -17.02 -22.47
CA ILE B 30 2.85 -16.12 -21.97
C ILE B 30 2.71 -14.90 -22.87
N VAL B 31 3.82 -14.41 -23.44
CA VAL B 31 3.72 -13.29 -24.38
C VAL B 31 3.05 -13.74 -25.67
N GLU B 32 3.14 -15.03 -26.00
CA GLU B 32 2.48 -15.54 -27.20
C GLU B 32 0.97 -15.47 -27.07
N GLY B 33 0.44 -15.61 -25.86
CA GLY B 33 -1.01 -15.57 -25.66
C GLY B 33 -1.63 -14.24 -26.04
N ILE B 34 -1.09 -13.15 -25.49
CA ILE B 34 -1.67 -11.83 -25.72
C ILE B 34 -1.07 -11.17 -26.96
N LEU B 35 0.27 -11.11 -27.04
CA LEU B 35 0.92 -10.39 -28.14
C LEU B 35 0.80 -11.13 -29.47
N LYS B 36 0.47 -12.42 -29.44
CA LYS B 36 0.28 -13.21 -30.67
C LYS B 36 1.54 -13.21 -31.53
N ARG B 37 2.65 -13.61 -30.93
CA ARG B 37 3.93 -13.76 -31.62
C ARG B 37 4.62 -15.01 -31.08
N PRO B 38 5.22 -15.82 -31.95
CA PRO B 38 5.75 -17.10 -31.49
C PRO B 38 6.97 -16.90 -30.60
N PRO B 39 7.21 -17.82 -29.66
CA PRO B 39 8.42 -17.71 -28.82
C PRO B 39 9.72 -17.73 -29.60
N ASP B 40 9.75 -18.43 -30.74
CA ASP B 40 10.95 -18.42 -31.57
C ASP B 40 11.25 -17.03 -32.10
N GLU B 41 10.22 -16.19 -32.24
CA GLU B 41 10.38 -14.78 -32.59
C GLU B 41 10.44 -13.87 -31.37
N GLN B 42 10.98 -14.36 -30.25
CA GLN B 42 11.00 -13.61 -29.00
C GLN B 42 12.41 -13.64 -28.41
N ARG B 43 12.74 -12.57 -27.69
CA ARG B 43 13.99 -12.44 -26.99
C ARG B 43 13.76 -11.61 -25.73
N LEU B 44 14.30 -12.07 -24.61
CA LEU B 44 14.19 -11.36 -23.35
C LEU B 44 15.54 -10.73 -22.99
N TYR B 45 15.48 -9.67 -22.17
CA TYR B 45 16.69 -8.91 -21.84
C TYR B 45 16.53 -8.32 -20.43
N LYS B 46 16.90 -9.12 -19.43
CA LYS B 46 17.02 -8.60 -18.07
C LYS B 46 18.23 -7.70 -18.00
N ASP B 47 18.04 -6.48 -17.47
CA ASP B 47 19.04 -5.43 -17.55
C ASP B 47 19.45 -5.23 -19.00
N ASP B 48 20.69 -5.58 -19.35
CA ASP B 48 21.14 -5.55 -20.73
C ASP B 48 21.65 -6.92 -21.16
N GLN B 49 21.14 -7.97 -20.53
CA GLN B 49 21.63 -9.33 -20.72
C GLN B 49 20.51 -10.23 -21.22
N LEU B 50 20.79 -10.99 -22.27
CA LEU B 50 19.86 -12.00 -22.74
C LEU B 50 19.86 -13.20 -21.79
N LEU B 51 18.80 -14.00 -21.89
CA LEU B 51 18.57 -15.09 -20.95
C LEU B 51 18.34 -16.39 -21.70
N ASP B 52 18.96 -17.46 -21.22
CA ASP B 52 18.73 -18.77 -21.79
C ASP B 52 17.35 -19.29 -21.40
N ASP B 53 16.63 -19.84 -22.36
CA ASP B 53 15.26 -20.30 -22.13
C ASP B 53 15.20 -21.53 -21.23
N GLY B 54 16.32 -22.17 -20.95
CA GLY B 54 16.33 -23.34 -20.08
C GLY B 54 16.40 -22.99 -18.61
N LYS B 55 17.04 -21.87 -18.30
CA LYS B 55 17.14 -21.42 -16.92
C LYS B 55 15.76 -21.03 -16.38
N THR B 56 15.71 -20.78 -15.08
CA THR B 56 14.51 -20.24 -14.45
C THR B 56 14.71 -18.76 -14.14
N LEU B 57 13.67 -18.14 -13.58
CA LEU B 57 13.78 -16.74 -13.19
C LEU B 57 14.77 -16.56 -12.06
N GLY B 58 14.79 -17.49 -11.10
CA GLY B 58 15.74 -17.41 -10.01
C GLY B 58 17.17 -17.58 -10.47
N GLU B 59 17.40 -18.49 -11.43
CA GLU B 59 18.73 -18.68 -11.98
C GLU B 59 19.20 -17.47 -12.77
N CYS B 60 18.29 -16.57 -13.13
CA CYS B 60 18.63 -15.33 -13.80
C CYS B 60 18.60 -14.12 -12.87
N GLY B 61 18.33 -14.34 -11.58
CA GLY B 61 18.42 -13.27 -10.60
C GLY B 61 17.12 -12.58 -10.26
N PHE B 62 16.05 -13.35 -10.10
CA PHE B 62 14.75 -12.82 -9.70
C PHE B 62 14.31 -13.49 -8.41
N THR B 63 13.96 -12.69 -7.41
CA THR B 63 13.51 -13.19 -6.13
C THR B 63 12.19 -12.53 -5.75
N SER B 64 11.42 -13.23 -4.90
CA SER B 64 10.20 -12.64 -4.35
C SER B 64 10.49 -11.41 -3.51
N GLN B 65 11.73 -11.26 -3.03
CA GLN B 65 12.10 -10.07 -2.28
C GLN B 65 12.47 -8.91 -3.19
N THR B 66 12.96 -9.20 -4.40
CA THR B 66 13.33 -8.16 -5.36
C THR B 66 12.15 -7.71 -6.20
N ALA B 67 11.30 -8.64 -6.61
CA ALA B 67 10.17 -8.31 -7.47
C ALA B 67 8.83 -8.55 -6.78
N ARG B 68 8.59 -7.84 -5.68
CA ARG B 68 7.30 -7.89 -5.00
C ARG B 68 6.21 -7.31 -5.90
N PRO B 69 4.94 -7.60 -5.61
CA PRO B 69 3.87 -7.00 -6.43
C PRO B 69 3.81 -5.49 -6.34
N GLN B 70 4.10 -4.91 -5.17
CA GLN B 70 4.13 -3.46 -5.03
C GLN B 70 5.35 -2.83 -5.67
N ALA B 71 6.39 -3.62 -5.96
CA ALA B 71 7.60 -3.11 -6.60
C ALA B 71 8.12 -4.17 -7.56
N PRO B 72 7.43 -4.37 -8.69
CA PRO B 72 7.77 -5.49 -9.58
C PRO B 72 8.98 -5.17 -10.47
N ALA B 73 9.97 -6.05 -10.44
CA ALA B 73 11.10 -5.92 -11.34
C ALA B 73 10.65 -6.12 -12.78
N THR B 74 11.05 -5.19 -13.64
CA THR B 74 10.59 -5.17 -15.03
C THR B 74 11.57 -5.91 -15.94
N VAL B 75 11.07 -6.28 -17.12
CA VAL B 75 11.84 -7.04 -18.10
C VAL B 75 11.53 -6.50 -19.49
N GLY B 76 12.48 -6.71 -20.41
CA GLY B 76 12.36 -6.16 -21.75
C GLY B 76 12.19 -7.18 -22.84
N LEU B 77 11.74 -6.74 -24.01
CA LEU B 77 11.48 -7.64 -25.13
C LEU B 77 11.91 -6.98 -26.43
N ALA B 78 12.46 -7.78 -27.34
CA ALA B 78 12.86 -7.33 -28.67
C ALA B 78 12.32 -8.33 -29.68
N PHE B 79 11.35 -7.89 -30.48
CA PHE B 79 10.63 -8.78 -31.39
C PHE B 79 11.48 -9.19 -32.59
N ASP B 82 11.59 -8.85 -39.09
CA ASP B 82 11.62 -9.61 -40.34
C ASP B 82 12.68 -10.71 -40.28
N ASP B 83 13.82 -10.48 -40.93
CA ASP B 83 14.90 -11.45 -40.93
C ASP B 83 15.52 -11.58 -39.55
N THR B 84 16.16 -10.52 -39.08
CA THR B 84 16.82 -10.53 -37.78
C THR B 84 15.88 -10.03 -36.68
N PHE B 85 16.27 -10.27 -35.44
CA PHE B 85 15.53 -9.76 -34.30
C PHE B 85 15.71 -8.25 -34.20
N GLU B 86 14.70 -7.59 -33.62
CA GLU B 86 14.81 -6.16 -33.38
C GLU B 86 15.69 -5.88 -32.17
N ALA B 87 15.98 -4.61 -31.95
CA ALA B 87 16.71 -4.19 -30.77
C ALA B 87 15.73 -3.84 -29.65
N LEU B 88 16.22 -3.96 -28.40
CA LEU B 88 15.40 -3.72 -27.23
C LEU B 88 15.31 -2.22 -26.97
N CYS B 89 14.14 -1.64 -27.22
CA CYS B 89 13.90 -0.22 -26.97
C CYS B 89 12.67 -0.07 -26.08
N ILE B 90 12.87 0.50 -24.89
CA ILE B 90 11.78 0.74 -23.95
C ILE B 90 11.76 2.23 -23.63
N GLU B 91 10.59 2.85 -23.80
CA GLU B 91 10.45 4.27 -23.52
C GLU B 91 10.06 4.47 -22.07
N PRO B 92 10.82 5.22 -21.29
CA PRO B 92 10.42 5.52 -19.91
C PRO B 92 9.07 6.23 -19.88
N PHE B 93 8.54 6.36 -18.66
CA PHE B 93 7.27 7.01 -18.44
C PHE B 93 7.47 8.52 -18.28
N SER B 94 6.37 9.23 -18.08
CA SER B 94 6.43 10.68 -17.96
C SER B 94 7.17 11.09 -16.69
N SER B 95 7.62 12.33 -16.66
CA SER B 95 8.33 12.87 -15.51
C SER B 95 7.34 13.45 -14.52
N PRO B 96 7.32 13.01 -13.27
CA PRO B 96 6.44 13.65 -12.27
C PRO B 96 6.83 15.10 -12.08
N PRO B 97 5.85 16.01 -12.00
CA PRO B 97 6.19 17.44 -11.90
C PRO B 97 6.88 17.78 -10.60
N GLU B 98 7.31 19.03 -10.47
CA GLU B 98 8.02 19.47 -9.28
C GLU B 98 7.09 19.43 -8.06
N LEU B 99 7.67 19.11 -6.92
CA LEU B 99 6.90 19.08 -5.68
C LEU B 99 6.43 20.49 -5.33
N PRO B 100 5.15 20.69 -5.02
CA PRO B 100 4.73 21.95 -4.39
C PRO B 100 5.53 22.19 -3.13
N ASP B 101 5.97 23.44 -2.95
CA ASP B 101 6.92 23.75 -1.89
C ASP B 101 6.39 23.39 -0.51
N VAL B 102 5.07 23.42 -0.31
CA VAL B 102 4.50 23.04 0.97
C VAL B 102 4.81 21.58 1.28
N MET B 103 4.70 20.71 0.29
CA MET B 103 5.01 19.30 0.46
C MET B 103 6.51 18.99 0.40
N LYS B 104 7.35 20.01 0.28
CA LYS B 104 8.79 19.81 0.24
C LYS B 104 9.40 20.02 1.63
N MET C 2 -9.53 -12.23 -21.08
CA MET C 2 -8.84 -12.46 -19.81
C MET C 2 -7.89 -11.33 -19.48
N TYR C 3 -7.37 -10.67 -20.52
CA TYR C 3 -6.46 -9.55 -20.37
C TYR C 3 -7.09 -8.29 -20.95
N VAL C 4 -6.64 -7.15 -20.46
CA VAL C 4 -7.15 -5.85 -20.89
C VAL C 4 -5.99 -4.90 -21.11
N LYS C 5 -6.11 -4.03 -22.11
CA LYS C 5 -5.09 -3.05 -22.45
C LYS C 5 -5.58 -1.66 -22.05
N LEU C 6 -4.72 -0.90 -21.37
CA LEU C 6 -5.07 0.41 -20.85
C LEU C 6 -4.08 1.43 -21.40
N ILE C 7 -4.60 2.53 -21.94
CA ILE C 7 -3.81 3.54 -22.62
C ILE C 7 -3.82 4.83 -21.80
N SER C 8 -2.68 5.52 -21.80
CA SER C 8 -2.47 6.72 -20.99
C SER C 8 -2.56 7.98 -21.87
N SER C 9 -2.06 9.10 -21.35
CA SER C 9 -2.10 10.35 -22.10
C SER C 9 -0.97 10.44 -23.11
N ASP C 10 0.25 10.05 -22.72
CA ASP C 10 1.36 9.98 -23.65
C ASP C 10 1.41 8.69 -24.45
N GLY C 11 0.33 7.90 -24.41
CA GLY C 11 0.19 6.75 -25.28
C GLY C 11 0.71 5.44 -24.74
N HIS C 12 1.27 5.42 -23.54
CA HIS C 12 1.84 4.18 -23.00
C HIS C 12 0.76 3.14 -22.79
N GLU C 13 0.96 1.96 -23.38
CA GLU C 13 -0.01 0.87 -23.32
C GLU C 13 0.37 -0.10 -22.21
N PHE C 14 -0.63 -0.48 -21.42
CA PHE C 14 -0.45 -1.42 -20.32
C PHE C 14 -1.43 -2.58 -20.46
N ILE C 15 -0.93 -3.79 -20.33
CA ILE C 15 -1.76 -5.00 -20.39
C ILE C 15 -1.69 -5.69 -19.04
N VAL C 16 -2.85 -5.82 -18.38
CA VAL C 16 -2.95 -6.47 -17.08
C VAL C 16 -4.06 -7.51 -17.15
N LYS C 17 -4.12 -8.35 -16.11
CA LYS C 17 -5.21 -9.30 -15.99
C LYS C 17 -6.53 -8.55 -15.82
N ARG C 18 -7.57 -9.03 -16.51
CA ARG C 18 -8.87 -8.37 -16.43
C ARG C 18 -9.39 -8.32 -15.00
N GLU C 19 -9.06 -9.33 -14.19
CA GLU C 19 -9.41 -9.29 -12.78
C GLU C 19 -8.67 -8.18 -12.06
N HIS C 20 -7.41 -7.94 -12.43
CA HIS C 20 -6.64 -6.86 -11.80
C HIS C 20 -7.24 -5.50 -12.09
N ALA C 21 -7.85 -5.33 -13.26
CA ALA C 21 -8.43 -4.04 -13.63
C ALA C 21 -9.79 -3.79 -13.00
N LEU C 22 -10.52 -4.84 -12.63
CA LEU C 22 -11.87 -4.68 -12.11
C LEU C 22 -11.92 -4.24 -10.66
N THR C 23 -10.78 -4.11 -9.99
CA THR C 23 -10.78 -3.51 -8.66
C THR C 23 -11.20 -2.05 -8.74
N SER C 24 -10.76 -1.34 -9.78
CA SER C 24 -11.25 0.01 -10.03
C SER C 24 -12.74 -0.03 -10.38
N GLY C 25 -13.54 0.70 -9.60
CA GLY C 25 -14.98 0.65 -9.81
C GLY C 25 -15.40 1.29 -11.13
N THR C 26 -14.77 2.41 -11.49
CA THR C 26 -15.16 3.11 -12.71
C THR C 26 -14.85 2.30 -13.96
N ILE C 27 -13.78 1.50 -13.93
CA ILE C 27 -13.50 0.62 -15.06
C ILE C 27 -14.53 -0.50 -15.12
N LYS C 28 -14.95 -1.03 -13.97
CA LYS C 28 -15.86 -2.17 -13.95
C LYS C 28 -17.17 -1.85 -14.66
N ALA C 29 -17.65 -0.61 -14.55
CA ALA C 29 -18.92 -0.25 -15.17
C ALA C 29 -18.84 -0.30 -16.69
N MET C 30 -17.69 0.08 -17.25
CA MET C 30 -17.53 0.16 -18.70
C MET C 30 -17.34 -1.21 -19.36
N LEU C 31 -17.11 -2.26 -18.58
CA LEU C 31 -17.05 -3.61 -19.13
C LEU C 31 -18.06 -4.53 -18.45
N THR C 42 -14.84 -3.30 -27.70
CA THR C 42 -13.46 -3.78 -27.66
C THR C 42 -12.97 -3.91 -26.23
N ASN C 43 -11.87 -4.64 -26.04
CA ASN C 43 -11.29 -4.84 -24.72
C ASN C 43 -10.07 -3.95 -24.55
N GLU C 44 -10.34 -2.65 -24.54
CA GLU C 44 -9.31 -1.63 -24.32
C GLU C 44 -10.00 -0.36 -23.85
N VAL C 45 -9.27 0.45 -23.08
CA VAL C 45 -9.80 1.69 -22.52
C VAL C 45 -8.69 2.73 -22.55
N ASN C 46 -9.00 3.90 -23.11
CA ASN C 46 -8.05 5.00 -23.21
C ASN C 46 -8.34 6.01 -22.11
N PHE C 47 -7.33 6.27 -21.26
CA PHE C 47 -7.39 7.33 -20.27
C PHE C 47 -6.60 8.51 -20.82
N ARG C 48 -7.30 9.59 -21.15
CA ARG C 48 -6.70 10.72 -21.84
C ARG C 48 -6.31 11.86 -20.90
N GLU C 49 -6.55 11.70 -19.60
CA GLU C 49 -6.11 12.66 -18.60
C GLU C 49 -4.95 12.17 -17.75
N ILE C 50 -4.75 10.86 -17.65
CA ILE C 50 -3.81 10.26 -16.71
C ILE C 50 -2.50 10.00 -17.46
N PRO C 51 -1.40 10.65 -17.10
CA PRO C 51 -0.12 10.38 -17.77
C PRO C 51 0.42 9.00 -17.39
N SER C 52 1.48 8.59 -18.09
CA SER C 52 1.99 7.23 -17.97
C SER C 52 2.54 6.96 -16.58
N HIS C 53 3.33 7.88 -16.04
CA HIS C 53 3.96 7.65 -14.74
C HIS C 53 2.93 7.43 -13.65
N VAL C 54 1.72 7.98 -13.81
CA VAL C 54 0.64 7.69 -12.89
C VAL C 54 -0.05 6.38 -13.26
N LEU C 55 -0.21 6.13 -14.57
CA LEU C 55 -0.94 4.94 -15.01
C LEU C 55 -0.23 3.66 -14.61
N SER C 56 1.10 3.69 -14.51
CA SER C 56 1.84 2.47 -14.16
C SER C 56 1.66 2.10 -12.69
N LYS C 57 1.54 3.10 -11.80
CA LYS C 57 1.40 2.82 -10.38
C LYS C 57 0.02 2.30 -10.00
N VAL C 58 -1.03 2.77 -10.70
CA VAL C 58 -2.38 2.26 -10.43
C VAL C 58 -2.45 0.77 -10.71
N CYS C 59 -1.81 0.33 -11.80
CA CYS C 59 -1.74 -1.10 -12.08
C CYS C 59 -0.91 -1.82 -11.03
N MET C 60 0.13 -1.17 -10.50
CA MET C 60 0.88 -1.75 -9.40
C MET C 60 0.01 -1.89 -8.16
N TYR C 61 -0.86 -0.92 -7.90
CA TYR C 61 -1.82 -1.05 -6.82
C TYR C 61 -2.80 -2.18 -7.08
N PHE C 62 -3.14 -2.43 -8.35
CA PHE C 62 -4.07 -3.49 -8.69
C PHE C 62 -3.54 -4.85 -8.24
N THR C 63 -2.27 -5.13 -8.52
CA THR C 63 -1.66 -6.38 -8.06
C THR C 63 -1.57 -6.41 -6.55
N TYR C 64 -1.12 -5.30 -5.95
CA TYR C 64 -1.03 -5.19 -4.49
C TYR C 64 -2.37 -5.42 -3.82
N LYS C 65 -3.47 -5.10 -4.53
CA LYS C 65 -4.80 -5.32 -3.98
C LYS C 65 -5.22 -6.78 -4.10
N VAL C 66 -4.99 -7.39 -5.27
CA VAL C 66 -5.42 -8.77 -5.49
C VAL C 66 -4.63 -9.74 -4.62
N ARG C 67 -3.30 -9.56 -4.59
CA ARG C 67 -2.46 -10.46 -3.80
C ARG C 67 -2.78 -10.37 -2.32
N TYR C 68 -3.00 -9.17 -1.82
CA TYR C 68 -3.16 -8.93 -0.39
C TYR C 68 -4.60 -8.55 -0.01
N THR C 69 -5.58 -9.15 -0.69
CA THR C 69 -6.95 -9.07 -0.21
C THR C 69 -7.12 -9.92 1.04
N ASN C 70 -6.44 -11.05 1.10
CA ASN C 70 -6.38 -11.86 2.30
C ASN C 70 -5.28 -11.33 3.23
N SER C 71 -5.54 -11.43 4.53
CA SER C 71 -4.56 -11.05 5.54
C SER C 71 -3.64 -12.19 5.91
N SER C 72 -3.73 -13.33 5.21
CA SER C 72 -2.88 -14.48 5.51
C SER C 72 -1.41 -14.11 5.42
N THR C 73 -1.01 -13.47 4.32
CA THR C 73 0.33 -12.93 4.20
C THR C 73 0.36 -11.52 4.79
N GLU C 74 1.46 -11.21 5.48
CA GLU C 74 1.60 -9.88 6.06
C GLU C 74 1.64 -8.84 4.96
N ILE C 75 0.64 -7.96 4.94
CA ILE C 75 0.52 -6.94 3.92
C ILE C 75 1.65 -5.93 4.07
N PRO C 76 2.52 -5.79 3.08
CA PRO C 76 3.55 -4.76 3.14
C PRO C 76 2.98 -3.40 2.75
N GLU C 77 3.73 -2.36 3.05
CA GLU C 77 3.30 -1.01 2.73
C GLU C 77 3.45 -0.74 1.25
N PHE C 78 2.57 0.11 0.72
CA PHE C 78 2.63 0.52 -0.68
C PHE C 78 3.46 1.79 -0.80
N PRO C 79 4.61 1.75 -1.47
CA PRO C 79 5.49 2.93 -1.53
C PRO C 79 4.99 3.93 -2.56
N ILE C 80 4.72 5.16 -2.10
CA ILE C 80 4.21 6.23 -2.94
C ILE C 80 5.10 7.43 -2.75
N ALA C 81 5.80 7.83 -3.82
CA ALA C 81 6.67 8.99 -3.74
C ALA C 81 5.84 10.27 -3.70
N PRO C 82 6.24 11.25 -2.87
CA PRO C 82 5.40 12.44 -2.68
C PRO C 82 5.16 13.26 -3.94
N GLU C 83 6.01 13.13 -4.96
CA GLU C 83 5.85 13.93 -6.16
C GLU C 83 4.58 13.56 -6.92
N ILE C 84 4.36 12.26 -7.15
CA ILE C 84 3.19 11.80 -7.88
C ILE C 84 1.99 11.53 -6.97
N ALA C 85 2.10 11.80 -5.67
CA ALA C 85 0.98 11.55 -4.76
C ALA C 85 -0.21 12.42 -5.11
N LEU C 86 0.04 13.71 -5.39
CA LEU C 86 -1.05 14.61 -5.76
C LEU C 86 -1.78 14.11 -6.99
N GLU C 87 -1.02 13.76 -8.04
CA GLU C 87 -1.62 13.31 -9.29
C GLU C 87 -2.36 11.99 -9.08
N LEU C 88 -1.72 11.03 -8.41
CA LEU C 88 -2.29 9.69 -8.35
C LEU C 88 -3.51 9.65 -7.43
N LEU C 89 -3.62 10.59 -6.49
CA LEU C 89 -4.85 10.70 -5.71
C LEU C 89 -6.03 11.09 -6.58
N MET C 90 -5.81 12.03 -7.51
CA MET C 90 -6.87 12.41 -8.45
C MET C 90 -7.21 11.24 -9.38
N ALA C 91 -6.20 10.47 -9.78
CA ALA C 91 -6.44 9.32 -10.65
C ALA C 91 -7.19 8.22 -9.90
N ALA C 92 -6.79 7.93 -8.66
CA ALA C 92 -7.49 6.92 -7.88
C ALA C 92 -8.94 7.31 -7.63
N ASN C 93 -9.23 8.61 -7.53
CA ASN C 93 -10.61 9.05 -7.42
C ASN C 93 -11.36 8.87 -8.73
N PHE C 94 -10.67 9.06 -9.86
CA PHE C 94 -11.28 8.79 -11.16
C PHE C 94 -11.67 7.32 -11.28
N LEU C 95 -10.71 6.42 -11.03
CA LEU C 95 -10.91 5.00 -11.23
C LEU C 95 -11.73 4.34 -10.12
N ASP C 96 -11.94 5.03 -8.99
CA ASP C 96 -12.68 4.50 -7.85
C ASP C 96 -12.01 3.22 -7.32
N CYS C 97 -10.77 3.40 -6.88
CA CYS C 97 -9.99 2.29 -6.33
C CYS C 97 -9.14 2.77 -5.16
C10 JI9 D . -1.81 -12.33 27.17
C13 JI9 D . -0.38 -6.65 30.15
C15 JI9 D . 1.02 -4.58 30.40
C17 JI9 D . 2.06 -2.30 30.16
C21 JI9 D . 2.45 -2.66 27.44
C22 JI9 D . 2.66 -2.85 25.94
C26 JI9 D . -3.87 -7.48 28.91
C28 JI9 D . -5.41 -6.48 27.35
C02 JI9 D . -0.44 -9.53 28.28
C03 JI9 D . -0.02 -10.99 28.33
C04 JI9 D . -0.55 -11.75 27.12
C05 JI9 D . 0.21 -11.84 25.97
C06 JI9 D . -0.29 -12.53 24.86
C07 JI9 D . -1.55 -13.11 24.92
C09 JI9 D . -2.31 -13.02 26.07
C12 JI9 D . -1.39 -7.49 29.38
C16 JI9 D . 1.67 -3.49 29.55
C18 JI9 D . 2.64 -1.30 29.42
C19 JI9 D . 2.83 -1.48 28.05
C23 JI9 D . 1.86 -3.66 28.20
C25 JI9 D . -2.79 -7.33 29.98
C27 JI9 D . -4.43 -6.35 28.33
C29 JI9 D . -5.82 -7.74 26.95
C35 JI9 D . -5.26 -8.87 27.52
C36 JI9 D . -4.28 -8.74 28.50
F08 JI9 D . -2.03 -13.79 23.84
F20 JI9 D . 3.41 -0.49 27.31
N11 JI9 D . -0.99 -8.89 29.45
N14 JI9 D . 0.06 -5.36 29.64
O01 JI9 D . -0.33 -8.92 27.27
O24 JI9 D . 0.06 -7.05 31.18
O30 JI9 D . -6.81 -7.87 25.96
O32 JI9 D . -8.70 -7.66 27.72
O33 JI9 D . -9.30 -8.18 25.39
O34 JI9 D . -8.49 -5.93 25.97
P31 JI9 D . -8.35 -7.41 26.27
#